data_2D74
#
_entry.id   2D74
#
_cell.length_a   68.467
_cell.length_b   76.177
_cell.length_c   98.210
_cell.angle_alpha   90.00
_cell.angle_beta   90.00
_cell.angle_gamma   90.00
#
_symmetry.space_group_name_H-M   'P 21 21 21'
#
loop_
_entity.id
_entity.type
_entity.pdbx_description
1 polymer 'Translation initiation factor 2 gamma subunit'
2 polymer 'Translation initiation factor 2 beta subunit'
3 non-polymer 'ZINC ION'
4 water water
#
loop_
_entity_poly.entity_id
_entity_poly.type
_entity_poly.pdbx_seq_one_letter_code
_entity_poly.pdbx_strand_id
1 'polypeptide(L)'
;MGEKRKTRQAEVNIGMVGHVDHGKTTLTKALTGVWTDTHSEELRRGITIKIGFADAEIRRCSNCGRYSTSPICPYCGHET
EFIRRVSFIDSPGHEALMTTMLAGASLMDGAILVIAANEPCPRPQTREHLMALQIIGQKNIIIAQNKIELVDKEKALENY
RQIKEFIKGTVAENAPIIPISALHGANIDVLVKAIEEFIPTPKRDSNKPPKMLVLRSFDVNKPGTPPEKLVGGVLDGSIV
QGKLKVGDEIEIRPGVPYEEHGRIKYEPITTEIVSLQAGGQFVEEAYPGGLVGIGTKLDPYLTKGDLMAGNVVGKPGKLP
PVWTDLRLEVHLLERVVGTEQELNVEPIKRKEVLLLNVGTARTMGLVTALGKDEIELKLQIPVCAEPGERVAISRQIGSR
WRLIGYGIIKELEHHHHHH
;
A
2 'polypeptide(L)'
;MEIDYYDYEKLLEKAYQELPENVKHHKSRFEVPGALVTIEGNKTIIENFKDIADALNRDPQHLLKFLLREIATAGTLEGR
RVVLQGRFTPYLIANKLKKYIKEYVICPVCGSPDTKIIKRDRFHFLKCEACGAETPIQHLLEHHHHHH
;
B
#
# COMPACT_ATOMS: atom_id res chain seq x y z
N LYS A 6 -20.56 14.14 4.06
CA LYS A 6 -19.11 13.96 3.71
C LYS A 6 -18.91 13.19 2.40
N THR A 7 -17.66 12.84 2.11
CA THR A 7 -17.31 12.10 0.89
C THR A 7 -17.14 10.61 1.16
N ARG A 8 -17.00 9.84 0.09
CA ARG A 8 -16.77 8.40 0.21
C ARG A 8 -15.28 8.21 0.04
N GLN A 9 -14.54 9.28 0.29
CA GLN A 9 -13.09 9.26 0.18
C GLN A 9 -12.50 8.31 1.22
N ALA A 10 -11.20 8.05 1.10
CA ALA A 10 -10.51 7.17 2.02
C ALA A 10 -10.67 7.73 3.43
N GLU A 11 -11.02 6.86 4.37
CA GLU A 11 -11.24 7.24 5.76
C GLU A 11 -10.05 6.95 6.70
N VAL A 12 -9.16 6.06 6.28
CA VAL A 12 -8.00 5.69 7.09
C VAL A 12 -6.82 5.32 6.23
N ASN A 13 -5.62 5.44 6.80
CA ASN A 13 -4.40 5.08 6.09
C ASN A 13 -3.81 3.82 6.70
N ILE A 14 -3.68 2.78 5.90
CA ILE A 14 -3.13 1.52 6.36
C ILE A 14 -1.73 1.38 5.75
N GLY A 15 -0.72 1.30 6.60
CA GLY A 15 0.62 1.15 6.09
C GLY A 15 0.89 -0.31 5.82
N MET A 16 1.49 -0.60 4.66
CA MET A 16 1.81 -1.98 4.30
C MET A 16 3.28 -2.18 4.64
N VAL A 17 3.54 -2.87 5.74
CA VAL A 17 4.90 -3.09 6.18
C VAL A 17 5.28 -4.56 6.37
N GLY A 18 6.58 -4.82 6.24
CA GLY A 18 7.11 -6.17 6.39
C GLY A 18 8.35 -6.30 5.53
N HIS A 19 8.86 -7.51 5.34
CA HIS A 19 10.04 -7.66 4.50
C HIS A 19 9.69 -7.23 3.08
N VAL A 20 10.61 -6.55 2.42
CA VAL A 20 10.40 -6.07 1.07
C VAL A 20 9.93 -7.17 0.11
N ASP A 21 10.24 -8.42 0.43
CA ASP A 21 9.86 -9.54 -0.44
C ASP A 21 8.75 -10.47 0.07
N HIS A 22 8.34 -10.32 1.33
CA HIS A 22 7.31 -11.21 1.83
C HIS A 22 5.95 -11.07 1.16
N GLY A 23 5.79 -10.06 0.31
CA GLY A 23 4.52 -9.91 -0.39
C GLY A 23 3.71 -8.63 -0.22
N LYS A 24 4.19 -7.69 0.59
CA LYS A 24 3.45 -6.44 0.79
C LYS A 24 3.08 -5.78 -0.53
N THR A 25 4.04 -5.69 -1.44
CA THR A 25 3.82 -5.05 -2.74
C THR A 25 2.76 -5.70 -3.62
N THR A 26 2.76 -7.03 -3.67
CA THR A 26 1.79 -7.76 -4.49
C THR A 26 0.38 -7.68 -3.91
N LEU A 27 0.27 -7.78 -2.59
CA LEU A 27 -1.02 -7.72 -1.94
C LEU A 27 -1.64 -6.34 -2.18
N THR A 28 -0.85 -5.28 -2.04
CA THR A 28 -1.38 -3.94 -2.25
C THR A 28 -1.95 -3.78 -3.67
N LYS A 29 -1.17 -4.12 -4.68
CA LYS A 29 -1.63 -4.02 -6.07
C LYS A 29 -2.89 -4.82 -6.35
N ALA A 30 -2.94 -6.03 -5.80
CA ALA A 30 -4.08 -6.90 -6.00
C ALA A 30 -5.34 -6.28 -5.42
N LEU A 31 -5.20 -5.62 -4.27
CA LEU A 31 -6.33 -4.99 -3.61
C LEU A 31 -6.68 -3.62 -4.17
N THR A 32 -5.70 -2.94 -4.75
CA THR A 32 -5.92 -1.60 -5.28
C THR A 32 -6.02 -1.43 -6.80
N GLY A 33 -5.46 -2.37 -7.55
CA GLY A 33 -5.48 -2.30 -9.01
C GLY A 33 -6.73 -1.70 -9.63
N VAL A 34 -7.91 -2.11 -9.16
CA VAL A 34 -9.18 -1.66 -9.73
C VAL A 34 -9.70 -0.27 -9.32
N TRP A 35 -8.94 0.45 -8.51
CA TRP A 35 -9.34 1.79 -8.11
C TRP A 35 -8.22 2.72 -8.52
N THR A 36 -7.68 2.48 -9.70
CA THR A 36 -6.56 3.26 -10.22
C THR A 36 -6.95 4.19 -11.36
N ASP A 37 -6.47 5.43 -11.28
CA ASP A 37 -6.72 6.34 -12.37
C ASP A 37 -5.41 6.95 -12.85
N THR A 38 -5.52 7.64 -13.98
CA THR A 38 -4.40 8.23 -14.68
C THR A 38 -3.55 9.37 -14.07
N LEU A 43 0.97 4.92 -8.02
CA LEU A 43 1.76 5.16 -6.83
C LEU A 43 2.83 6.23 -7.06
N ARG A 44 3.83 6.27 -6.19
CA ARG A 44 4.88 7.27 -6.34
C ARG A 44 6.23 6.88 -5.76
N ARG A 45 6.91 7.92 -5.29
CA ARG A 45 8.22 7.82 -4.67
C ARG A 45 8.22 9.09 -3.85
N GLY A 46 7.06 9.76 -3.82
CA GLY A 46 6.96 11.02 -3.11
C GLY A 46 8.18 11.75 -3.62
N ILE A 47 8.60 12.82 -2.97
CA ILE A 47 9.83 13.44 -3.44
C ILE A 47 10.78 13.39 -2.25
N THR A 48 10.20 13.64 -1.07
CA THR A 48 10.92 13.65 0.19
C THR A 48 11.01 12.21 0.69
N ILE A 49 9.85 11.62 0.93
CA ILE A 49 9.75 10.24 1.36
C ILE A 49 9.21 9.59 0.11
N LYS A 50 9.63 8.35 -0.17
CA LYS A 50 9.20 7.68 -1.40
C LYS A 50 7.89 6.91 -1.28
N ILE A 51 7.12 7.30 -0.27
CA ILE A 51 5.82 6.75 0.08
C ILE A 51 4.81 6.82 -1.09
N GLY A 52 3.93 5.82 -1.17
CA GLY A 52 2.91 5.80 -2.21
C GLY A 52 1.54 5.61 -1.59
N PHE A 53 0.51 6.22 -2.17
CA PHE A 53 -0.85 6.10 -1.65
C PHE A 53 -1.78 5.41 -2.63
N ALA A 54 -2.27 4.23 -2.25
CA ALA A 54 -3.19 3.48 -3.11
C ALA A 54 -4.51 3.25 -2.38
N ASP A 55 -5.59 3.79 -2.96
CA ASP A 55 -6.92 3.65 -2.38
C ASP A 55 -7.55 2.30 -2.72
N ALA A 56 -8.57 1.92 -1.96
CA ALA A 56 -9.27 0.67 -2.19
C ALA A 56 -10.59 0.70 -1.45
N GLU A 57 -11.68 0.42 -2.18
CA GLU A 57 -13.00 0.42 -1.57
C GLU A 57 -13.35 -0.95 -1.03
N ILE A 58 -13.47 -1.03 0.29
CA ILE A 58 -13.84 -2.28 0.94
C ILE A 58 -15.33 -2.49 0.70
N ARG A 59 -15.69 -3.59 0.07
CA ARG A 59 -17.09 -3.86 -0.23
C ARG A 59 -17.59 -5.21 0.28
N ARG A 60 -18.90 -5.32 0.43
CA ARG A 60 -19.55 -6.53 0.93
C ARG A 60 -20.56 -7.09 -0.07
N CYS A 61 -20.34 -8.32 -0.52
CA CYS A 61 -21.23 -8.96 -1.49
C CYS A 61 -22.60 -9.20 -0.86
N SER A 62 -23.62 -8.58 -1.45
CA SER A 62 -24.99 -8.71 -0.97
C SER A 62 -25.50 -10.14 -0.95
N ASN A 63 -25.11 -10.92 -1.96
CA ASN A 63 -25.56 -12.31 -2.10
C ASN A 63 -24.87 -13.38 -1.24
N CYS A 64 -23.55 -13.44 -1.25
CA CYS A 64 -22.85 -14.45 -0.46
C CYS A 64 -22.31 -13.91 0.85
N GLY A 65 -22.44 -12.61 1.04
CA GLY A 65 -22.00 -11.98 2.28
C GLY A 65 -20.51 -11.82 2.54
N ARG A 66 -19.68 -12.10 1.54
CA ARG A 66 -18.25 -11.98 1.72
C ARG A 66 -17.66 -10.63 1.30
N TYR A 67 -16.49 -10.31 1.87
CA TYR A 67 -15.82 -9.05 1.59
C TYR A 67 -14.74 -9.15 0.52
N SER A 68 -14.52 -8.03 -0.17
CA SER A 68 -13.52 -7.94 -1.20
C SER A 68 -13.24 -6.47 -1.42
N THR A 69 -12.37 -6.21 -2.39
CA THR A 69 -11.98 -4.85 -2.74
C THR A 69 -12.52 -4.65 -4.13
N SER A 70 -13.51 -5.47 -4.49
CA SER A 70 -14.05 -5.39 -5.83
C SER A 70 -15.54 -5.11 -6.05
N PRO A 71 -15.85 -4.43 -7.16
CA PRO A 71 -17.20 -4.03 -7.61
C PRO A 71 -18.10 -5.22 -7.77
N ILE A 72 -17.58 -6.26 -8.42
CA ILE A 72 -18.32 -7.50 -8.64
C ILE A 72 -17.69 -8.59 -7.75
N CYS A 73 -18.53 -9.29 -7.00
CA CYS A 73 -18.06 -10.35 -6.12
C CYS A 73 -17.15 -11.30 -6.90
N PRO A 74 -15.92 -11.51 -6.42
CA PRO A 74 -14.97 -12.40 -7.10
C PRO A 74 -15.54 -13.80 -7.30
N TYR A 75 -16.37 -14.20 -6.35
CA TYR A 75 -16.97 -15.53 -6.34
C TYR A 75 -18.33 -15.71 -7.03
N CYS A 76 -19.42 -15.42 -6.34
CA CYS A 76 -20.74 -15.60 -6.93
C CYS A 76 -20.96 -14.76 -8.19
N GLY A 77 -20.46 -13.54 -8.18
CA GLY A 77 -20.61 -12.68 -9.36
C GLY A 77 -21.58 -11.52 -9.23
N HIS A 78 -22.26 -11.41 -8.10
CA HIS A 78 -23.22 -10.33 -7.91
C HIS A 78 -22.53 -9.01 -7.57
N GLU A 79 -23.33 -7.96 -7.50
CA GLU A 79 -22.84 -6.63 -7.19
C GLU A 79 -22.55 -6.51 -5.69
N THR A 80 -21.42 -5.91 -5.36
CA THR A 80 -21.07 -5.73 -3.94
C THR A 80 -21.46 -4.33 -3.52
N GLU A 81 -21.56 -4.11 -2.22
CA GLU A 81 -21.96 -2.81 -1.70
C GLU A 81 -20.80 -2.05 -1.08
N PHE A 82 -20.83 -0.73 -1.23
CA PHE A 82 -19.79 0.13 -0.69
C PHE A 82 -19.90 0.20 0.82
N ILE A 83 -18.82 -0.16 1.50
CA ILE A 83 -18.84 -0.12 2.95
C ILE A 83 -17.93 0.99 3.45
N ARG A 84 -16.81 1.18 2.77
CA ARG A 84 -15.85 2.18 3.18
C ARG A 84 -14.74 2.23 2.14
N ARG A 85 -13.96 3.30 2.20
CA ARG A 85 -12.83 3.48 1.30
C ARG A 85 -11.62 3.73 2.16
N VAL A 86 -10.52 3.04 1.87
CA VAL A 86 -9.31 3.20 2.66
C VAL A 86 -8.12 3.44 1.74
N SER A 87 -6.99 3.81 2.31
CA SER A 87 -5.81 4.04 1.49
C SER A 87 -4.57 3.38 2.10
N PHE A 88 -3.95 2.49 1.34
CA PHE A 88 -2.75 1.80 1.79
C PHE A 88 -1.53 2.63 1.42
N ILE A 89 -0.52 2.58 2.28
CA ILE A 89 0.71 3.31 2.09
C ILE A 89 1.77 2.24 1.82
N ASP A 90 2.29 2.22 0.60
CA ASP A 90 3.27 1.22 0.19
C ASP A 90 4.59 1.82 -0.26
N SER A 91 5.68 1.08 -0.08
CA SER A 91 6.95 1.62 -0.53
C SER A 91 8.10 0.64 -0.66
N PRO A 92 8.50 0.35 -1.90
CA PRO A 92 9.61 -0.56 -2.18
C PRO A 92 10.79 0.13 -1.51
N GLY A 93 11.54 -0.60 -0.71
CA GLY A 93 12.67 0.03 -0.03
C GLY A 93 12.46 0.00 1.46
N HIS A 94 13.15 -0.95 2.08
CA HIS A 94 13.06 -1.14 3.51
C HIS A 94 13.23 0.17 4.25
N GLU A 95 14.27 0.91 3.90
CA GLU A 95 14.57 2.16 4.56
C GLU A 95 13.48 3.22 4.40
N ALA A 96 13.17 3.57 3.15
CA ALA A 96 12.15 4.59 2.87
C ALA A 96 10.88 4.40 3.69
N LEU A 97 10.42 3.18 3.82
CA LEU A 97 9.20 2.92 4.59
C LEU A 97 9.50 3.19 6.06
N MET A 98 10.68 2.78 6.50
CA MET A 98 11.12 2.99 7.88
C MET A 98 11.12 4.48 8.18
N THR A 99 11.75 5.23 7.29
CA THR A 99 11.85 6.67 7.43
C THR A 99 10.46 7.30 7.52
N THR A 100 9.64 7.04 6.51
CA THR A 100 8.28 7.57 6.48
C THR A 100 7.50 7.28 7.76
N MET A 101 7.65 6.07 8.29
CA MET A 101 6.94 5.70 9.51
C MET A 101 7.34 6.51 10.73
N LEU A 102 8.63 6.55 11.00
CA LEU A 102 9.16 7.30 12.14
C LEU A 102 8.83 8.79 12.00
N ALA A 103 9.06 9.32 10.81
CA ALA A 103 8.84 10.73 10.52
C ALA A 103 7.36 11.13 10.52
N GLY A 104 6.60 10.54 9.60
CA GLY A 104 5.19 10.84 9.49
C GLY A 104 4.26 9.82 10.11
N ALA A 105 4.57 9.39 11.33
CA ALA A 105 3.74 8.40 12.03
C ALA A 105 2.32 8.96 12.11
N SER A 106 2.19 10.27 11.98
CA SER A 106 0.91 10.95 12.05
C SER A 106 0.02 10.62 10.85
N LEU A 107 0.57 9.91 9.87
CA LEU A 107 -0.18 9.55 8.67
C LEU A 107 -0.95 8.22 8.73
N MET A 108 -0.35 7.21 9.36
CA MET A 108 -0.98 5.89 9.46
C MET A 108 -2.01 5.82 10.56
N ASP A 109 -2.94 4.88 10.43
CA ASP A 109 -4.01 4.67 11.40
C ASP A 109 -4.04 3.21 11.80
N GLY A 110 -3.20 2.44 11.13
CA GLY A 110 -3.10 1.02 11.37
C GLY A 110 -2.10 0.53 10.36
N ALA A 111 -1.68 -0.71 10.49
CA ALA A 111 -0.73 -1.28 9.55
C ALA A 111 -0.98 -2.77 9.36
N ILE A 112 -0.61 -3.28 8.20
CA ILE A 112 -0.77 -4.69 7.92
C ILE A 112 0.64 -5.24 7.75
N LEU A 113 1.06 -6.06 8.70
CA LEU A 113 2.39 -6.65 8.68
C LEU A 113 2.39 -7.94 7.89
N VAL A 114 2.99 -7.91 6.71
CA VAL A 114 3.03 -9.10 5.86
C VAL A 114 4.32 -9.88 6.09
N ILE A 115 4.15 -11.09 6.63
CA ILE A 115 5.26 -11.98 6.94
C ILE A 115 5.14 -13.25 6.10
N ALA A 116 6.20 -13.63 5.41
CA ALA A 116 6.18 -14.85 4.59
C ALA A 116 6.29 -16.09 5.47
N ALA A 117 5.40 -17.05 5.22
CA ALA A 117 5.36 -18.29 5.99
C ALA A 117 6.50 -19.25 5.64
N ASN A 118 7.03 -19.12 4.44
CA ASN A 118 8.11 -19.98 3.98
C ASN A 118 9.50 -19.55 4.44
N GLU A 119 9.58 -18.60 5.37
CA GLU A 119 10.86 -18.13 5.89
C GLU A 119 10.80 -18.02 7.41
N PRO A 120 11.92 -18.30 8.09
CA PRO A 120 11.91 -18.22 9.56
C PRO A 120 11.20 -16.91 9.88
N CYS A 121 10.35 -16.88 10.89
CA CYS A 121 9.59 -15.67 11.18
C CYS A 121 10.22 -14.27 11.17
N PRO A 122 10.91 -13.87 12.25
CA PRO A 122 11.51 -12.53 12.30
C PRO A 122 12.74 -12.27 11.43
N ARG A 123 12.55 -11.79 10.20
CA ARG A 123 13.68 -11.48 9.34
C ARG A 123 14.22 -10.14 9.78
N PRO A 124 15.52 -9.91 9.57
CA PRO A 124 16.12 -8.64 9.96
C PRO A 124 15.27 -7.44 9.60
N GLN A 125 14.63 -7.50 8.43
CA GLN A 125 13.80 -6.37 8.00
C GLN A 125 12.43 -6.35 8.66
N THR A 126 11.90 -7.52 9.00
CA THR A 126 10.59 -7.63 9.65
C THR A 126 10.65 -7.09 11.07
N ARG A 127 11.81 -7.24 11.71
CA ARG A 127 11.99 -6.76 13.06
C ARG A 127 12.01 -5.24 13.07
N GLU A 128 12.76 -4.66 12.15
CA GLU A 128 12.86 -3.21 12.06
C GLU A 128 11.50 -2.56 11.97
N HIS A 129 10.62 -3.12 11.15
CA HIS A 129 9.29 -2.57 11.02
C HIS A 129 8.55 -2.66 12.33
N LEU A 130 8.45 -3.87 12.89
CA LEU A 130 7.75 -4.03 14.16
C LEU A 130 8.37 -3.07 15.16
N MET A 131 9.65 -2.78 14.95
CA MET A 131 10.41 -1.87 15.80
C MET A 131 9.90 -0.44 15.62
N ALA A 132 9.69 -0.06 14.37
CA ALA A 132 9.20 1.27 14.04
C ALA A 132 7.76 1.43 14.50
N LEU A 133 6.93 0.40 14.25
CA LEU A 133 5.54 0.46 14.67
C LEU A 133 5.49 0.58 16.18
N GLN A 134 6.45 -0.05 16.84
CA GLN A 134 6.53 -0.01 18.30
C GLN A 134 6.89 1.37 18.81
N ILE A 135 7.77 2.06 18.09
CA ILE A 135 8.21 3.40 18.48
C ILE A 135 7.17 4.50 18.28
N ILE A 136 6.30 4.34 17.29
CA ILE A 136 5.29 5.36 17.04
C ILE A 136 3.94 4.99 17.65
N GLY A 137 3.95 4.01 18.55
CA GLY A 137 2.74 3.60 19.23
C GLY A 137 1.57 3.12 18.38
N GLN A 138 1.85 2.66 17.16
CA GLN A 138 0.79 2.17 16.28
C GLN A 138 0.43 0.75 16.73
N LYS A 139 -0.72 0.61 17.39
CA LYS A 139 -1.15 -0.67 17.91
C LYS A 139 -2.22 -1.40 17.10
N ASN A 140 -2.85 -0.69 16.17
CA ASN A 140 -3.89 -1.30 15.33
C ASN A 140 -3.24 -2.01 14.16
N ILE A 141 -2.77 -3.23 14.42
CA ILE A 141 -2.08 -4.04 13.45
C ILE A 141 -2.77 -5.37 13.17
N ILE A 142 -2.57 -5.87 11.96
CA ILE A 142 -3.12 -7.16 11.53
C ILE A 142 -1.91 -7.87 10.91
N ILE A 143 -1.73 -9.14 11.21
CA ILE A 143 -0.60 -9.88 10.64
C ILE A 143 -1.07 -10.82 9.55
N ALA A 144 -0.43 -10.70 8.38
CA ALA A 144 -0.78 -11.52 7.23
C ALA A 144 0.30 -12.53 6.87
N GLN A 145 0.18 -13.74 7.40
CA GLN A 145 1.15 -14.77 7.07
C GLN A 145 0.87 -15.12 5.62
N ASN A 146 1.75 -14.68 4.73
CA ASN A 146 1.55 -14.92 3.30
C ASN A 146 2.33 -16.08 2.70
N LYS A 147 1.87 -16.51 1.53
CA LYS A 147 2.48 -17.59 0.77
C LYS A 147 2.21 -18.94 1.42
N ILE A 148 1.05 -19.08 2.02
CA ILE A 148 0.66 -20.32 2.68
C ILE A 148 0.65 -21.44 1.63
N GLU A 149 0.66 -21.07 0.36
CA GLU A 149 0.66 -22.03 -0.73
C GLU A 149 2.02 -22.65 -0.95
N LEU A 150 2.95 -22.36 -0.05
CA LEU A 150 4.31 -22.89 -0.20
C LEU A 150 4.83 -23.69 0.98
N VAL A 151 4.03 -23.81 2.04
CA VAL A 151 4.43 -24.57 3.21
C VAL A 151 3.33 -25.54 3.62
N ASP A 152 3.68 -26.80 3.82
CA ASP A 152 2.67 -27.77 4.25
C ASP A 152 2.19 -27.31 5.63
N LYS A 153 1.03 -27.80 6.04
CA LYS A 153 0.46 -27.42 7.32
C LYS A 153 1.38 -27.58 8.51
N GLU A 154 2.44 -28.38 8.37
CA GLU A 154 3.36 -28.57 9.47
C GLU A 154 4.18 -27.29 9.63
N LYS A 155 4.93 -26.94 8.60
CA LYS A 155 5.76 -25.72 8.61
C LYS A 155 4.92 -24.48 8.94
N ALA A 156 3.67 -24.48 8.47
CA ALA A 156 2.76 -23.35 8.70
C ALA A 156 2.56 -23.08 10.18
N LEU A 157 2.18 -24.12 10.92
CA LEU A 157 1.96 -23.99 12.36
C LEU A 157 3.24 -23.60 13.09
N GLU A 158 4.39 -23.97 12.53
CA GLU A 158 5.67 -23.66 13.14
C GLU A 158 6.01 -22.19 12.90
N ASN A 159 5.53 -21.66 11.78
CA ASN A 159 5.75 -20.25 11.44
C ASN A 159 4.82 -19.45 12.34
N TYR A 160 3.54 -19.87 12.40
CA TYR A 160 2.55 -19.22 13.24
C TYR A 160 3.12 -19.02 14.64
N ARG A 161 3.51 -20.12 15.28
CA ARG A 161 4.07 -20.04 16.62
C ARG A 161 5.20 -19.01 16.63
N GLN A 162 6.11 -19.10 15.68
CA GLN A 162 7.22 -18.16 15.61
C GLN A 162 6.68 -16.73 15.66
N ILE A 163 5.74 -16.43 14.76
CA ILE A 163 5.14 -15.11 14.72
C ILE A 163 4.60 -14.74 16.09
N LYS A 164 3.92 -15.69 16.74
CA LYS A 164 3.37 -15.46 18.06
C LYS A 164 4.44 -15.08 19.08
N GLU A 165 5.57 -15.78 19.04
CA GLU A 165 6.67 -15.49 19.96
C GLU A 165 7.33 -14.16 19.63
N PHE A 166 7.25 -13.78 18.35
CA PHE A 166 7.84 -12.53 17.88
C PHE A 166 7.05 -11.32 18.35
N ILE A 167 5.72 -11.40 18.26
CA ILE A 167 4.88 -10.28 18.66
C ILE A 167 4.59 -10.11 20.15
N LYS A 168 4.77 -11.16 20.95
CA LYS A 168 4.50 -11.03 22.38
C LYS A 168 5.31 -9.86 22.93
N GLY A 169 4.66 -9.03 23.74
CA GLY A 169 5.35 -7.90 24.33
C GLY A 169 5.63 -6.78 23.34
N THR A 170 4.84 -6.75 22.27
CA THR A 170 5.00 -5.70 21.26
C THR A 170 3.62 -5.11 20.98
N VAL A 171 3.56 -4.04 20.20
CA VAL A 171 2.29 -3.40 19.87
C VAL A 171 1.37 -4.30 19.08
N ALA A 172 1.94 -5.31 18.46
CA ALA A 172 1.16 -6.25 17.65
C ALA A 172 0.92 -7.52 18.44
N GLU A 173 0.92 -7.41 19.75
CA GLU A 173 0.71 -8.57 20.61
C GLU A 173 -0.69 -9.14 20.44
N ASN A 174 -1.68 -8.29 20.21
CA ASN A 174 -3.07 -8.73 20.03
C ASN A 174 -3.53 -8.65 18.58
N ALA A 175 -2.60 -8.82 17.64
CA ALA A 175 -2.95 -8.75 16.23
C ALA A 175 -3.25 -10.13 15.69
N PRO A 176 -4.32 -10.26 14.89
CA PRO A 176 -4.64 -11.58 14.33
C PRO A 176 -3.52 -12.00 13.40
N ILE A 177 -3.48 -13.28 13.07
CA ILE A 177 -2.48 -13.79 12.16
C ILE A 177 -3.29 -14.51 11.10
N ILE A 178 -3.42 -13.88 9.95
CA ILE A 178 -4.21 -14.48 8.90
C ILE A 178 -3.38 -15.07 7.78
N PRO A 179 -3.58 -16.37 7.56
CA PRO A 179 -2.92 -17.19 6.54
C PRO A 179 -3.52 -16.75 5.22
N ILE A 180 -2.70 -16.27 4.31
CA ILE A 180 -3.24 -15.83 3.04
C ILE A 180 -2.30 -16.13 1.88
N SER A 181 -2.86 -16.07 0.68
CA SER A 181 -2.11 -16.27 -0.55
C SER A 181 -2.33 -15.02 -1.36
N ALA A 182 -1.45 -14.05 -1.21
CA ALA A 182 -1.57 -12.80 -1.96
C ALA A 182 -1.57 -13.10 -3.46
N LEU A 183 -1.07 -14.29 -3.81
CA LEU A 183 -0.96 -14.71 -5.20
C LEU A 183 -2.24 -15.36 -5.74
N HIS A 184 -2.91 -16.16 -4.91
CA HIS A 184 -4.13 -16.82 -5.34
C HIS A 184 -5.32 -16.16 -4.66
N GLY A 185 -5.01 -15.34 -3.65
CA GLY A 185 -6.05 -14.64 -2.93
C GLY A 185 -6.83 -15.57 -2.01
N ALA A 186 -6.11 -16.45 -1.32
CA ALA A 186 -6.74 -17.36 -0.38
C ALA A 186 -6.92 -16.62 0.92
N ASN A 187 -8.18 -16.39 1.29
CA ASN A 187 -8.50 -15.69 2.53
C ASN A 187 -8.36 -14.18 2.43
N ILE A 188 -8.55 -13.63 1.23
CA ILE A 188 -8.47 -12.19 1.07
C ILE A 188 -9.79 -11.65 1.62
N ASP A 189 -10.82 -12.48 1.56
CA ASP A 189 -12.13 -12.08 2.06
C ASP A 189 -12.07 -11.90 3.56
N VAL A 190 -11.28 -12.74 4.23
CA VAL A 190 -11.11 -12.67 5.68
C VAL A 190 -10.24 -11.46 6.01
N LEU A 191 -9.20 -11.25 5.22
CA LEU A 191 -8.29 -10.14 5.44
C LEU A 191 -9.06 -8.83 5.31
N VAL A 192 -9.64 -8.58 4.14
CA VAL A 192 -10.39 -7.36 3.89
C VAL A 192 -11.40 -7.08 5.00
N LYS A 193 -12.05 -8.14 5.48
CA LYS A 193 -13.04 -7.99 6.55
C LYS A 193 -12.35 -7.55 7.83
N ALA A 194 -11.18 -8.09 8.09
CA ALA A 194 -10.42 -7.76 9.30
C ALA A 194 -10.00 -6.29 9.34
N ILE A 195 -9.85 -5.67 8.18
CA ILE A 195 -9.47 -4.26 8.10
C ILE A 195 -10.60 -3.41 8.68
N GLU A 196 -11.81 -3.96 8.61
CA GLU A 196 -12.98 -3.28 9.15
C GLU A 196 -13.09 -3.57 10.64
N GLU A 197 -12.72 -4.79 11.01
CA GLU A 197 -12.77 -5.24 12.40
C GLU A 197 -11.69 -4.50 13.19
N PHE A 198 -10.46 -4.61 12.71
CA PHE A 198 -9.33 -3.93 13.31
C PHE A 198 -9.17 -2.78 12.33
N ILE A 199 -8.62 -1.67 12.77
CA ILE A 199 -8.43 -0.48 11.91
C ILE A 199 -9.71 0.24 11.44
N PRO A 200 -10.57 0.65 12.37
CA PRO A 200 -11.80 1.35 12.00
C PRO A 200 -11.48 2.85 11.93
N THR A 201 -12.33 3.62 11.27
CA THR A 201 -12.11 5.07 11.13
C THR A 201 -12.18 5.68 12.51
N PRO A 202 -11.10 6.33 12.97
CA PRO A 202 -11.08 6.94 14.30
C PRO A 202 -12.08 8.06 14.45
N LYS A 203 -12.37 8.46 15.70
CA LYS A 203 -13.26 9.58 15.94
C LYS A 203 -12.30 10.75 15.84
N ARG A 204 -12.58 11.64 14.90
CA ARG A 204 -11.75 12.81 14.70
C ARG A 204 -12.65 14.03 14.74
N ASP A 205 -12.25 15.04 15.50
CA ASP A 205 -13.06 16.23 15.56
C ASP A 205 -12.70 17.10 14.37
N SER A 206 -13.63 17.24 13.44
CA SER A 206 -13.38 18.04 12.24
C SER A 206 -13.11 19.51 12.55
N ASN A 207 -13.65 20.01 13.65
CA ASN A 207 -13.45 21.41 14.02
C ASN A 207 -12.03 21.85 14.37
N LYS A 208 -11.13 20.91 14.66
CA LYS A 208 -9.76 21.30 14.98
C LYS A 208 -9.21 22.04 13.76
N PRO A 209 -8.34 23.04 13.97
CA PRO A 209 -7.77 23.77 12.84
C PRO A 209 -7.09 22.80 11.88
N PRO A 210 -7.27 23.01 10.57
CA PRO A 210 -6.71 22.17 9.51
C PRO A 210 -5.19 22.10 9.38
N LYS A 211 -4.67 20.91 9.17
CA LYS A 211 -3.25 20.70 8.98
C LYS A 211 -3.07 19.62 7.93
N MET A 212 -2.34 19.96 6.87
CA MET A 212 -2.07 19.02 5.80
C MET A 212 -0.59 19.03 5.47
N LEU A 213 -0.03 17.83 5.35
CA LEU A 213 1.38 17.70 5.02
C LEU A 213 1.45 17.55 3.50
N VAL A 214 1.93 18.60 2.83
CA VAL A 214 2.05 18.56 1.38
C VAL A 214 3.08 17.53 0.97
N LEU A 215 2.62 16.50 0.26
CA LEU A 215 3.51 15.45 -0.21
C LEU A 215 4.09 15.87 -1.55
N ARG A 216 3.29 16.54 -2.37
CA ARG A 216 3.71 16.97 -3.69
C ARG A 216 3.04 18.29 -4.12
N SER A 217 3.67 18.99 -5.06
CA SER A 217 3.16 20.27 -5.57
C SER A 217 3.38 20.27 -7.07
N PHE A 218 2.40 20.77 -7.84
CA PHE A 218 2.54 20.76 -9.30
C PHE A 218 2.00 21.92 -10.14
N ASP A 219 2.17 21.74 -11.44
CA ASP A 219 1.73 22.66 -12.48
C ASP A 219 1.01 21.75 -13.49
N VAL A 220 -0.26 21.48 -13.25
CA VAL A 220 -1.04 20.62 -14.15
C VAL A 220 -1.16 21.29 -15.51
N ASN A 221 -0.66 22.51 -15.61
CA ASN A 221 -0.69 23.24 -16.87
C ASN A 221 0.17 22.49 -17.88
N LYS A 222 -0.11 22.71 -19.16
CA LYS A 222 0.63 22.06 -20.22
C LYS A 222 0.22 22.81 -21.47
N PRO A 223 1.17 23.09 -22.37
CA PRO A 223 0.66 23.80 -23.55
C PRO A 223 -0.50 23.00 -24.11
N GLY A 224 -1.65 23.29 -23.51
CA GLY A 224 -2.94 22.72 -23.86
C GLY A 224 -3.51 24.05 -24.30
N THR A 225 -2.80 25.06 -23.82
CA THR A 225 -2.97 26.47 -24.15
C THR A 225 -4.15 27.39 -23.77
N PRO A 226 -5.27 26.87 -23.23
CA PRO A 226 -6.27 27.92 -22.97
C PRO A 226 -5.82 28.95 -21.91
N PRO A 227 -5.87 30.25 -22.25
CA PRO A 227 -5.46 31.27 -21.28
C PRO A 227 -6.40 31.63 -20.12
N GLU A 228 -7.68 31.30 -20.22
CA GLU A 228 -8.66 31.66 -19.19
C GLU A 228 -8.38 31.28 -17.75
N LYS A 229 -9.34 30.55 -17.18
CA LYS A 229 -9.26 30.10 -15.81
C LYS A 229 -8.64 28.72 -15.72
N LEU A 230 -7.61 28.54 -16.54
CA LEU A 230 -6.88 27.29 -16.55
C LEU A 230 -6.21 27.34 -15.17
N VAL A 231 -6.24 26.20 -14.50
CA VAL A 231 -5.76 26.04 -13.13
C VAL A 231 -4.46 26.66 -12.64
N GLY A 232 -4.46 26.97 -11.35
CA GLY A 232 -3.29 27.55 -10.70
C GLY A 232 -2.52 26.40 -10.06
N GLY A 233 -1.62 26.72 -9.13
CA GLY A 233 -0.83 25.68 -8.50
C GLY A 233 -1.68 24.66 -7.78
N VAL A 234 -1.25 23.41 -7.80
CA VAL A 234 -1.98 22.35 -7.14
C VAL A 234 -1.07 21.60 -6.20
N LEU A 235 -1.56 21.35 -4.99
CA LEU A 235 -0.79 20.65 -3.97
C LEU A 235 -1.49 19.36 -3.58
N ASP A 236 -0.71 18.32 -3.31
CA ASP A 236 -1.24 17.04 -2.91
C ASP A 236 -0.63 16.69 -1.58
N GLY A 237 -1.47 16.25 -0.65
CA GLY A 237 -0.96 15.90 0.66
C GLY A 237 -1.94 15.11 1.48
N SER A 238 -1.60 14.90 2.74
CA SER A 238 -2.44 14.14 3.64
C SER A 238 -3.00 15.00 4.77
N ILE A 239 -4.30 15.27 4.73
CA ILE A 239 -4.89 16.05 5.81
C ILE A 239 -4.73 15.15 7.03
N VAL A 240 -4.21 15.71 8.11
CA VAL A 240 -3.99 14.95 9.33
C VAL A 240 -4.76 15.53 10.49
N GLN A 241 -5.41 16.68 10.27
CA GLN A 241 -6.15 17.32 11.35
C GLN A 241 -7.17 18.34 10.85
N GLY A 242 -8.42 18.11 11.20
CA GLY A 242 -9.49 18.99 10.79
C GLY A 242 -10.00 18.69 9.39
N LYS A 243 -10.09 19.71 8.56
CA LYS A 243 -10.59 19.53 7.21
C LYS A 243 -10.41 20.78 6.36
N LEU A 244 -10.27 20.60 5.06
CA LEU A 244 -10.13 21.71 4.14
C LEU A 244 -11.45 21.77 3.38
N LYS A 245 -11.85 22.96 2.96
CA LYS A 245 -13.11 23.10 2.26
C LYS A 245 -13.00 24.10 1.10
N VAL A 246 -13.55 23.77 -0.05
CA VAL A 246 -13.49 24.65 -1.20
C VAL A 246 -13.92 26.06 -0.80
N GLY A 247 -13.09 27.04 -1.15
CA GLY A 247 -13.40 28.41 -0.81
C GLY A 247 -12.66 28.85 0.43
N ASP A 248 -11.87 27.95 0.98
CA ASP A 248 -11.09 28.28 2.17
C ASP A 248 -9.86 29.09 1.82
N GLU A 249 -9.43 29.92 2.74
CA GLU A 249 -8.24 30.72 2.56
C GLU A 249 -7.18 30.01 3.37
N ILE A 250 -6.17 29.48 2.69
CA ILE A 250 -5.12 28.77 3.41
C ILE A 250 -3.80 29.52 3.45
N GLU A 251 -2.99 29.13 4.42
CA GLU A 251 -1.67 29.71 4.59
C GLU A 251 -0.72 28.55 4.39
N ILE A 252 0.25 28.73 3.50
CA ILE A 252 1.20 27.66 3.25
C ILE A 252 2.36 27.89 4.20
N ARG A 253 3.11 26.83 4.48
CA ARG A 253 4.15 26.96 5.47
C ARG A 253 5.50 27.65 5.28
N PRO A 254 6.63 26.91 5.26
CA PRO A 254 7.89 27.65 5.10
C PRO A 254 7.63 28.81 4.16
N GLY A 255 7.24 28.47 2.94
CA GLY A 255 6.93 29.51 1.98
C GLY A 255 7.90 29.74 0.85
N VAL A 256 7.63 30.81 0.12
CA VAL A 256 8.42 31.20 -1.03
C VAL A 256 9.63 32.06 -0.69
N PRO A 257 10.82 31.63 -1.17
CA PRO A 257 12.15 32.24 -0.99
C PRO A 257 12.22 33.67 -1.52
N TYR A 258 13.06 34.49 -0.90
CA TYR A 258 13.24 35.85 -1.38
C TYR A 258 14.71 36.18 -1.66
N GLU A 259 14.98 37.41 -2.10
CA GLU A 259 16.34 37.80 -2.49
C GLU A 259 17.34 38.43 -1.53
N GLU A 260 18.29 37.60 -1.10
CA GLU A 260 19.41 37.93 -0.21
C GLU A 260 19.49 39.19 0.68
N HIS A 261 18.52 39.38 1.59
CA HIS A 261 18.58 40.51 2.52
C HIS A 261 19.57 39.85 3.45
N GLY A 262 19.10 38.72 3.99
CA GLY A 262 19.91 37.85 4.81
C GLY A 262 20.31 37.03 3.60
N ARG A 263 20.57 35.73 3.73
CA ARG A 263 20.96 34.95 2.56
C ARG A 263 19.79 34.26 1.87
N ILE A 264 19.12 33.40 2.62
CA ILE A 264 17.99 32.62 2.14
C ILE A 264 16.87 32.78 3.14
N LYS A 265 15.73 33.28 2.69
CA LYS A 265 14.64 33.41 3.62
C LYS A 265 13.31 33.07 2.99
N TYR A 266 12.54 32.27 3.72
CA TYR A 266 11.24 31.86 3.26
C TYR A 266 10.16 32.62 4.01
N GLU A 267 9.22 33.17 3.27
CA GLU A 267 8.11 33.91 3.86
C GLU A 267 6.91 33.02 3.62
N PRO A 268 6.01 32.93 4.61
CA PRO A 268 4.81 32.09 4.47
C PRO A 268 3.82 32.78 3.58
N ILE A 269 3.34 32.07 2.56
CA ILE A 269 2.37 32.62 1.62
C ILE A 269 0.93 32.17 1.87
N THR A 270 -0.03 32.97 1.41
CA THR A 270 -1.45 32.66 1.59
C THR A 270 -2.17 32.58 0.25
N THR A 271 -3.11 31.64 0.13
CA THR A 271 -3.87 31.49 -1.10
C THR A 271 -5.29 31.02 -0.82
N GLU A 272 -6.07 30.87 -1.89
CA GLU A 272 -7.45 30.44 -1.78
C GLU A 272 -7.69 29.14 -2.53
N ILE A 273 -8.34 28.19 -1.87
CA ILE A 273 -8.64 26.90 -2.44
C ILE A 273 -9.75 26.98 -3.47
N VAL A 274 -9.47 26.54 -4.69
CA VAL A 274 -10.43 26.55 -5.77
C VAL A 274 -11.08 25.19 -5.97
N SER A 275 -10.32 24.15 -5.69
CA SER A 275 -10.83 22.80 -5.84
C SER A 275 -10.21 21.85 -4.83
N LEU A 276 -10.72 20.63 -4.81
CA LEU A 276 -10.23 19.59 -3.92
C LEU A 276 -10.59 18.23 -4.47
N GLN A 277 -9.58 17.43 -4.78
CA GLN A 277 -9.81 16.09 -5.28
C GLN A 277 -9.50 15.10 -4.17
N ALA A 278 -10.37 14.12 -4.01
CA ALA A 278 -10.22 13.10 -2.99
C ALA A 278 -11.12 11.93 -3.38
N GLY A 279 -10.50 10.78 -3.64
CA GLY A 279 -11.26 9.59 -4.01
C GLY A 279 -11.42 9.39 -5.50
N GLY A 280 -10.90 10.32 -6.30
CA GLY A 280 -10.99 10.23 -7.74
C GLY A 280 -11.92 11.31 -8.27
N GLN A 281 -12.76 11.84 -7.39
CA GLN A 281 -13.70 12.88 -7.78
C GLN A 281 -13.30 14.20 -7.15
N PHE A 282 -14.08 15.22 -7.47
CA PHE A 282 -13.86 16.55 -6.92
C PHE A 282 -14.89 16.71 -5.81
N VAL A 283 -14.45 17.30 -4.70
CA VAL A 283 -15.34 17.49 -3.56
C VAL A 283 -15.26 18.93 -3.06
N GLU A 284 -16.17 19.28 -2.16
CA GLU A 284 -16.23 20.61 -1.61
C GLU A 284 -15.64 20.63 -0.21
N GLU A 285 -15.25 19.45 0.23
CA GLU A 285 -14.67 19.32 1.56
C GLU A 285 -13.89 18.00 1.58
N ALA A 286 -12.63 18.07 2.00
CA ALA A 286 -11.77 16.89 2.04
C ALA A 286 -11.34 16.56 3.46
N TYR A 287 -11.16 15.26 3.74
CA TYR A 287 -10.80 14.81 5.07
C TYR A 287 -9.59 13.88 5.06
N PRO A 288 -9.06 13.56 6.26
CA PRO A 288 -7.90 12.66 6.34
C PRO A 288 -8.24 11.27 5.81
N GLY A 289 -7.23 10.62 5.24
CA GLY A 289 -7.43 9.31 4.66
C GLY A 289 -7.28 9.50 3.17
N GLY A 290 -6.22 8.92 2.61
CA GLY A 290 -5.98 9.08 1.20
C GLY A 290 -5.17 10.33 0.93
N LEU A 291 -5.09 10.70 -0.33
CA LEU A 291 -4.36 11.88 -0.76
C LEU A 291 -5.37 12.94 -1.17
N VAL A 292 -5.05 14.21 -0.90
CA VAL A 292 -5.95 15.29 -1.27
C VAL A 292 -5.27 16.25 -2.23
N GLY A 293 -5.97 16.57 -3.33
CA GLY A 293 -5.42 17.48 -4.31
C GLY A 293 -6.08 18.84 -4.21
N ILE A 294 -5.40 19.77 -3.56
CA ILE A 294 -5.93 21.12 -3.40
C ILE A 294 -5.64 22.00 -4.60
N GLY A 295 -6.64 22.79 -5.00
CA GLY A 295 -6.48 23.68 -6.13
C GLY A 295 -6.37 25.09 -5.58
N THR A 296 -5.31 25.80 -5.94
CA THR A 296 -5.11 27.16 -5.44
C THR A 296 -5.13 28.23 -6.52
N LYS A 297 -5.18 29.48 -6.08
CA LYS A 297 -5.20 30.62 -6.98
C LYS A 297 -3.76 31.08 -7.17
N LEU A 298 -2.82 30.25 -6.75
CA LEU A 298 -1.42 30.61 -6.85
C LEU A 298 -0.75 30.41 -8.21
N ASP A 299 0.37 31.10 -8.38
CA ASP A 299 1.13 31.02 -9.62
C ASP A 299 1.75 29.64 -9.75
N PRO A 300 1.29 28.86 -10.73
CA PRO A 300 1.76 27.50 -11.01
C PRO A 300 3.29 27.49 -11.02
N TYR A 301 3.86 28.66 -11.28
CA TYR A 301 5.31 28.86 -11.34
C TYR A 301 5.94 28.65 -9.97
N LEU A 302 5.09 28.60 -8.95
CA LEU A 302 5.57 28.41 -7.58
C LEU A 302 5.44 26.98 -7.05
N THR A 303 4.57 26.19 -7.69
CA THR A 303 4.37 24.81 -7.27
C THR A 303 4.98 23.82 -8.25
N LYS A 304 5.30 24.31 -9.44
CA LYS A 304 5.90 23.50 -10.50
C LYS A 304 7.13 22.80 -9.92
N GLY A 305 7.46 21.62 -10.46
CA GLY A 305 8.63 20.89 -9.98
C GLY A 305 8.66 20.49 -8.52
N ASP A 306 7.51 20.40 -7.87
CA ASP A 306 7.44 20.01 -6.47
C ASP A 306 8.25 20.90 -5.54
N LEU A 307 8.29 22.20 -5.82
CA LEU A 307 9.04 23.11 -4.96
C LEU A 307 8.31 23.32 -3.63
N MET A 308 6.98 23.25 -3.65
CA MET A 308 6.17 23.42 -2.45
C MET A 308 6.19 22.18 -1.56
N ALA A 309 6.71 21.07 -2.08
CA ALA A 309 6.75 19.81 -1.34
C ALA A 309 7.44 19.99 0.02
N GLY A 310 6.89 19.32 1.03
CA GLY A 310 7.44 19.42 2.38
C GLY A 310 6.71 20.45 3.22
N ASN A 311 6.03 21.38 2.57
CA ASN A 311 5.29 22.42 3.28
C ASN A 311 4.03 21.88 3.94
N VAL A 312 3.52 22.68 4.87
CA VAL A 312 2.31 22.34 5.60
C VAL A 312 1.30 23.42 5.25
N VAL A 313 0.02 23.05 5.24
CA VAL A 313 -1.01 24.02 4.94
C VAL A 313 -1.94 24.10 6.14
N GLY A 314 -2.56 25.27 6.34
CA GLY A 314 -3.47 25.42 7.46
C GLY A 314 -4.29 26.68 7.24
N LYS A 315 -4.98 27.12 8.29
CA LYS A 315 -5.78 28.33 8.18
C LYS A 315 -4.84 29.45 8.57
N PRO A 316 -4.86 30.57 7.84
CA PRO A 316 -3.95 31.65 8.23
C PRO A 316 -3.94 31.94 9.72
N GLY A 317 -2.76 31.84 10.33
CA GLY A 317 -2.64 32.09 11.75
C GLY A 317 -2.40 30.82 12.53
N LYS A 318 -3.27 29.84 12.30
CA LYS A 318 -3.18 28.55 12.97
C LYS A 318 -2.36 27.52 12.19
N LEU A 319 -1.07 27.47 12.51
CA LEU A 319 -0.15 26.54 11.90
C LEU A 319 0.96 26.24 12.88
N PRO A 320 1.88 25.38 12.48
CA PRO A 320 3.02 25.00 13.33
C PRO A 320 4.07 26.11 13.28
N PRO A 321 5.11 26.01 14.11
CA PRO A 321 6.17 27.04 14.11
C PRO A 321 7.16 26.63 13.04
N VAL A 322 7.70 27.60 12.31
CA VAL A 322 8.69 27.27 11.29
C VAL A 322 9.99 27.29 12.06
N TRP A 323 10.95 26.45 11.68
CA TRP A 323 12.22 26.42 12.37
C TRP A 323 13.37 26.71 11.42
N THR A 324 14.49 27.18 11.98
CA THR A 324 15.66 27.49 11.18
C THR A 324 16.86 26.80 11.82
N ASP A 325 16.65 26.35 13.05
CA ASP A 325 17.66 25.62 13.83
C ASP A 325 16.88 24.53 14.55
N LEU A 326 17.57 23.53 15.08
CA LEU A 326 16.86 22.45 15.74
C LEU A 326 17.66 21.65 16.75
N ARG A 327 17.15 21.55 17.96
CA ARG A 327 17.80 20.75 18.99
C ARG A 327 16.89 19.55 19.04
N LEU A 328 17.45 18.38 19.23
CA LEU A 328 16.64 17.19 19.29
C LEU A 328 17.05 16.31 20.45
N GLU A 329 16.12 15.43 20.84
CA GLU A 329 16.37 14.47 21.90
C GLU A 329 16.68 13.23 21.10
N VAL A 330 17.96 12.95 20.89
CA VAL A 330 18.36 11.82 20.09
C VAL A 330 18.19 10.44 20.72
N HIS A 331 17.68 9.52 19.89
CA HIS A 331 17.47 8.12 20.27
C HIS A 331 17.95 7.29 19.09
N LEU A 332 19.18 6.79 19.18
CA LEU A 332 19.73 5.98 18.11
C LEU A 332 19.01 4.64 18.12
N LEU A 333 18.87 4.05 16.95
CA LEU A 333 18.18 2.77 16.85
C LEU A 333 19.11 1.57 16.86
N GLU A 334 18.57 0.45 17.35
CA GLU A 334 19.30 -0.81 17.39
C GLU A 334 18.84 -1.50 16.11
N ARG A 335 19.53 -1.25 15.01
CA ARG A 335 19.12 -1.86 13.75
C ARG A 335 19.80 -3.19 13.51
N VAL A 336 19.10 -4.07 12.81
CA VAL A 336 19.62 -5.39 12.52
C VAL A 336 19.92 -5.61 11.03
N VAL A 337 19.17 -4.93 10.15
CA VAL A 337 19.40 -5.08 8.72
C VAL A 337 20.56 -4.21 8.24
N GLY A 338 21.53 -4.86 7.60
CA GLY A 338 22.69 -4.16 7.09
C GLY A 338 23.94 -5.02 7.23
N THR A 339 25.09 -4.38 7.20
CA THR A 339 26.38 -5.07 7.33
C THR A 339 27.00 -4.42 8.56
N GLU A 340 27.68 -5.22 9.38
CA GLU A 340 28.29 -4.76 10.63
C GLU A 340 28.81 -3.30 10.69
N GLN A 341 29.52 -2.85 9.65
CA GLN A 341 30.02 -1.48 9.60
C GLN A 341 28.79 -0.61 9.80
N GLU A 342 27.98 -0.55 8.75
CA GLU A 342 26.73 0.22 8.75
C GLU A 342 25.97 0.08 10.06
N LEU A 343 25.92 -1.15 10.55
CA LEU A 343 25.19 -1.50 11.77
C LEU A 343 25.50 -0.77 13.08
N ASN A 344 26.67 -0.99 13.67
CA ASN A 344 26.95 -0.32 14.94
C ASN A 344 27.24 1.14 14.70
N VAL A 345 26.17 1.92 14.68
CA VAL A 345 26.29 3.35 14.45
C VAL A 345 27.20 4.02 15.47
N GLU A 346 28.13 4.83 14.97
CA GLU A 346 29.01 5.59 15.84
C GLU A 346 28.12 6.79 16.13
N PRO A 347 28.18 7.32 17.35
CA PRO A 347 27.31 8.47 17.62
C PRO A 347 27.57 9.72 16.78
N ILE A 348 26.51 10.50 16.56
CA ILE A 348 26.60 11.73 15.79
C ILE A 348 27.72 12.60 16.34
N LYS A 349 28.45 13.24 15.45
CA LYS A 349 29.57 14.09 15.83
C LYS A 349 29.30 15.54 15.51
N ARG A 350 29.88 16.44 16.31
CA ARG A 350 29.73 17.86 16.05
C ARG A 350 30.25 18.06 14.63
N LYS A 351 29.57 18.87 13.85
CA LYS A 351 29.97 19.17 12.48
C LYS A 351 29.61 18.16 11.38
N GLU A 352 28.89 17.09 11.71
CA GLU A 352 28.52 16.13 10.69
C GLU A 352 27.30 16.71 9.97
N VAL A 353 27.07 16.26 8.74
CA VAL A 353 25.93 16.75 7.97
C VAL A 353 24.90 15.63 7.85
N LEU A 354 23.88 15.68 8.71
CA LEU A 354 22.84 14.68 8.73
C LEU A 354 21.66 14.96 7.80
N LEU A 355 20.92 13.90 7.50
CA LEU A 355 19.74 14.00 6.63
C LEU A 355 18.53 13.91 7.55
N LEU A 356 17.68 14.93 7.52
CA LEU A 356 16.52 14.96 8.38
C LEU A 356 15.20 14.87 7.62
N ASN A 357 14.26 14.14 8.21
CA ASN A 357 12.94 13.94 7.66
C ASN A 357 11.92 14.20 8.75
N VAL A 358 11.03 15.16 8.52
CA VAL A 358 9.97 15.48 9.47
C VAL A 358 8.72 15.77 8.64
N GLY A 359 7.60 15.15 8.98
CA GLY A 359 6.39 15.37 8.20
C GLY A 359 6.73 14.90 6.80
N THR A 360 6.61 15.78 5.83
CA THR A 360 6.95 15.43 4.47
C THR A 360 8.13 16.26 4.05
N ALA A 361 8.73 16.96 5.01
CA ALA A 361 9.87 17.80 4.72
C ALA A 361 11.16 17.01 4.88
N ARG A 362 12.12 17.30 4.00
CA ARG A 362 13.42 16.65 4.01
C ARG A 362 14.47 17.75 3.89
N THR A 363 15.39 17.77 4.85
CA THR A 363 16.44 18.78 4.86
C THR A 363 17.72 18.30 5.52
N MET A 364 18.82 18.89 5.12
CA MET A 364 20.12 18.56 5.68
C MET A 364 20.32 19.43 6.91
N GLY A 365 21.06 18.91 7.89
CA GLY A 365 21.31 19.67 9.10
C GLY A 365 22.76 19.53 9.55
N LEU A 366 23.31 20.61 10.08
CA LEU A 366 24.70 20.60 10.56
C LEU A 366 24.75 20.55 12.08
N VAL A 367 25.37 19.50 12.62
CA VAL A 367 25.48 19.36 14.07
C VAL A 367 26.40 20.44 14.62
N THR A 368 25.85 21.35 15.41
CA THR A 368 26.62 22.45 16.00
C THR A 368 26.65 22.40 17.51
N ALA A 369 26.35 21.24 18.08
CA ALA A 369 26.34 21.08 19.54
C ALA A 369 26.16 19.64 19.97
N LEU A 370 26.67 19.32 21.15
CA LEU A 370 26.57 17.98 21.71
C LEU A 370 26.23 18.03 23.19
N GLY A 371 25.36 17.12 23.62
CA GLY A 371 24.98 17.06 25.02
C GLY A 371 24.76 15.60 25.34
N LYS A 372 24.07 15.33 26.44
CA LYS A 372 23.83 13.95 26.80
C LYS A 372 22.53 13.50 26.14
N ASP A 373 22.66 12.76 25.05
CA ASP A 373 21.51 12.24 24.32
C ASP A 373 20.57 13.33 23.79
N GLU A 374 21.18 14.37 23.25
CA GLU A 374 20.50 15.53 22.69
C GLU A 374 21.54 16.20 21.80
N ILE A 375 21.11 16.84 20.72
CA ILE A 375 22.04 17.51 19.82
C ILE A 375 21.41 18.73 19.18
N GLU A 376 22.25 19.52 18.53
CA GLU A 376 21.79 20.73 17.87
C GLU A 376 22.08 20.63 16.37
N LEU A 377 21.30 21.35 15.57
CA LEU A 377 21.44 21.33 14.13
C LEU A 377 20.92 22.59 13.47
N LYS A 378 21.62 23.02 12.42
CA LYS A 378 21.21 24.19 11.66
C LYS A 378 20.52 23.59 10.44
N LEU A 379 19.37 24.13 10.07
CA LEU A 379 18.64 23.58 8.94
C LEU A 379 18.98 24.21 7.59
N GLN A 380 19.16 23.32 6.61
CA GLN A 380 19.49 23.68 5.23
C GLN A 380 18.25 24.34 4.65
N ILE A 381 17.10 23.88 5.10
CA ILE A 381 15.81 24.40 4.66
C ILE A 381 14.89 24.46 5.87
N PRO A 382 14.21 25.60 6.07
CA PRO A 382 13.30 25.73 7.21
C PRO A 382 12.27 24.62 7.12
N VAL A 383 11.90 24.06 8.27
CA VAL A 383 10.91 23.00 8.30
C VAL A 383 9.82 23.35 9.30
N CYS A 384 8.59 23.39 8.82
CA CYS A 384 7.45 23.70 9.66
C CYS A 384 7.10 22.51 10.52
N ALA A 385 7.29 22.62 11.82
CA ALA A 385 6.96 21.49 12.67
C ALA A 385 6.48 21.86 14.05
N GLU A 386 5.64 20.99 14.61
CA GLU A 386 5.11 21.21 15.95
C GLU A 386 6.13 20.55 16.87
N PRO A 387 6.52 21.23 17.96
CA PRO A 387 7.49 20.64 18.87
C PRO A 387 6.95 19.36 19.52
N GLY A 388 7.84 18.41 19.77
CA GLY A 388 7.42 17.15 20.37
C GLY A 388 7.15 16.18 19.23
N GLU A 389 7.19 16.71 18.00
CA GLU A 389 7.01 15.89 16.83
C GLU A 389 8.31 15.15 16.63
N ARG A 390 8.21 13.94 16.07
CA ARG A 390 9.36 13.10 15.83
C ARG A 390 10.02 13.44 14.50
N VAL A 391 11.35 13.45 14.50
CA VAL A 391 12.10 13.76 13.29
C VAL A 391 13.03 12.60 12.99
N ALA A 392 13.04 12.18 11.73
CA ALA A 392 13.88 11.09 11.30
C ALA A 392 15.27 11.61 11.01
N ILE A 393 16.27 11.00 11.66
CA ILE A 393 17.65 11.40 11.49
C ILE A 393 18.38 10.33 10.69
N SER A 394 18.99 10.72 9.58
CA SER A 394 19.71 9.78 8.72
C SER A 394 21.16 10.20 8.49
N ARG A 395 22.09 9.26 8.65
CA ARG A 395 23.51 9.54 8.42
C ARG A 395 23.91 8.83 7.11
N GLN A 396 24.90 9.38 6.40
CA GLN A 396 25.34 8.83 5.12
C GLN A 396 25.89 7.40 4.99
N ILE A 397 27.14 7.19 5.42
CA ILE A 397 27.75 5.85 5.33
C ILE A 397 28.07 5.46 3.88
N GLY A 398 29.07 6.10 3.30
CA GLY A 398 29.43 5.79 1.92
C GLY A 398 28.77 6.71 0.92
N SER A 399 28.08 6.12 -0.05
CA SER A 399 27.39 6.90 -1.08
C SER A 399 25.93 7.09 -0.70
N ARG A 400 25.43 6.15 0.11
CA ARG A 400 24.05 6.18 0.54
C ARG A 400 23.74 6.97 1.81
N TRP A 401 22.46 6.92 2.19
CA TRP A 401 21.97 7.58 3.39
C TRP A 401 21.27 6.50 4.21
N ARG A 402 21.80 6.25 5.39
CA ARG A 402 21.22 5.23 6.25
C ARG A 402 20.54 5.84 7.48
N LEU A 403 19.39 5.29 7.84
CA LEU A 403 18.65 5.76 9.01
C LEU A 403 19.37 5.21 10.23
N ILE A 404 19.85 6.08 11.11
CA ILE A 404 20.56 5.62 12.31
C ILE A 404 19.74 5.78 13.59
N GLY A 405 18.75 6.65 13.55
CA GLY A 405 17.91 6.89 14.71
C GLY A 405 16.87 7.97 14.44
N TYR A 406 16.41 8.60 15.49
CA TYR A 406 15.42 9.66 15.36
C TYR A 406 15.57 10.60 16.55
N GLY A 407 15.09 11.84 16.37
CA GLY A 407 15.18 12.81 17.44
C GLY A 407 13.82 13.34 17.83
N ILE A 408 13.77 14.05 18.95
CA ILE A 408 12.52 14.62 19.44
C ILE A 408 12.66 16.14 19.52
N ILE A 409 11.87 16.86 18.72
CA ILE A 409 11.93 18.31 18.71
C ILE A 409 11.79 18.89 20.10
N LYS A 410 12.78 19.68 20.48
CA LYS A 410 12.78 20.36 21.77
C LYS A 410 12.87 21.83 21.42
N GLU A 411 12.77 22.69 22.42
CA GLU A 411 12.87 24.11 22.15
C GLU A 411 14.30 24.52 22.40
N LEU A 412 14.78 25.48 21.64
CA LEU A 412 16.14 25.95 21.80
C LEU A 412 16.13 27.07 22.83
N ILE B 3 -16.37 -17.32 11.43
CA ILE B 3 -15.04 -17.83 11.90
C ILE B 3 -14.14 -16.69 12.33
N ASP B 4 -13.89 -16.61 13.64
CA ASP B 4 -13.06 -15.56 14.22
C ASP B 4 -11.62 -15.61 13.73
N TYR B 5 -11.01 -14.43 13.61
CA TYR B 5 -9.65 -14.30 13.13
C TYR B 5 -8.61 -14.85 14.10
N TYR B 6 -9.05 -15.24 15.28
CA TYR B 6 -8.11 -15.76 16.26
C TYR B 6 -7.94 -17.27 16.24
N ASP B 7 -8.73 -17.95 15.41
CA ASP B 7 -8.63 -19.39 15.28
C ASP B 7 -7.86 -19.69 13.98
N TYR B 8 -6.55 -19.57 14.08
CA TYR B 8 -5.65 -19.81 12.96
C TYR B 8 -5.89 -21.13 12.25
N GLU B 9 -6.13 -22.19 13.03
CA GLU B 9 -6.35 -23.49 12.44
C GLU B 9 -7.46 -23.50 11.41
N LYS B 10 -8.67 -23.14 11.80
CA LYS B 10 -9.77 -23.12 10.83
C LYS B 10 -9.39 -22.21 9.68
N LEU B 11 -8.72 -21.10 10.00
CA LEU B 11 -8.31 -20.14 8.98
C LEU B 11 -7.32 -20.77 8.01
N LEU B 12 -6.60 -21.78 8.48
CA LEU B 12 -5.62 -22.44 7.65
C LEU B 12 -6.24 -23.40 6.65
N GLU B 13 -7.22 -24.20 7.08
CA GLU B 13 -7.85 -25.13 6.14
C GLU B 13 -8.63 -24.32 5.14
N LYS B 14 -9.26 -23.24 5.61
CA LYS B 14 -10.02 -22.40 4.72
C LYS B 14 -9.02 -21.68 3.83
N ALA B 15 -7.75 -21.70 4.24
CA ALA B 15 -6.69 -21.05 3.49
C ALA B 15 -6.03 -21.99 2.50
N TYR B 16 -6.51 -23.22 2.42
CA TYR B 16 -5.95 -24.21 1.49
C TYR B 16 -6.99 -24.64 0.48
N GLN B 17 -8.26 -24.54 0.85
CA GLN B 17 -9.32 -24.96 -0.03
C GLN B 17 -9.50 -24.03 -1.21
N GLU B 18 -9.01 -22.81 -1.08
CA GLU B 18 -9.11 -21.84 -2.18
C GLU B 18 -7.84 -22.03 -3.01
N LEU B 19 -6.88 -22.70 -2.39
CA LEU B 19 -5.62 -22.99 -3.06
C LEU B 19 -5.96 -23.93 -4.21
N PRO B 20 -5.56 -23.56 -5.43
CA PRO B 20 -5.78 -24.31 -6.67
C PRO B 20 -5.55 -25.80 -6.54
N GLU B 21 -6.00 -26.56 -7.53
CA GLU B 21 -5.84 -28.00 -7.53
C GLU B 21 -4.37 -28.38 -7.66
N ASN B 22 -3.81 -28.11 -8.82
CA ASN B 22 -2.42 -28.40 -9.13
C ASN B 22 -1.46 -28.20 -7.97
N VAL B 23 -1.82 -27.30 -7.05
CA VAL B 23 -0.96 -27.06 -5.90
C VAL B 23 -1.58 -27.59 -4.62
N LYS B 24 -2.90 -27.51 -4.52
CA LYS B 24 -3.60 -27.96 -3.32
C LYS B 24 -3.35 -29.40 -2.90
N HIS B 25 -3.72 -30.36 -3.76
CA HIS B 25 -3.58 -31.76 -3.41
C HIS B 25 -2.63 -32.69 -4.16
N HIS B 26 -2.55 -33.90 -3.61
CA HIS B 26 -1.72 -35.01 -4.09
C HIS B 26 -1.21 -34.91 -5.51
N LYS B 27 -2.13 -35.06 -6.48
CA LYS B 27 -1.73 -34.95 -7.88
C LYS B 27 -1.56 -33.48 -8.14
N SER B 28 -0.31 -33.08 -8.30
CA SER B 28 -0.05 -31.68 -8.52
C SER B 28 0.50 -31.34 -9.88
N ARG B 29 -0.32 -30.83 -10.80
CA ARG B 29 0.28 -30.36 -12.03
C ARG B 29 0.82 -29.24 -11.18
N PHE B 30 2.04 -28.81 -11.37
CA PHE B 30 2.50 -27.75 -10.47
C PHE B 30 3.01 -26.52 -11.17
N GLU B 31 3.16 -26.65 -12.47
CA GLU B 31 3.69 -25.58 -13.30
C GLU B 31 2.74 -24.44 -13.64
N VAL B 32 1.59 -24.34 -12.97
CA VAL B 32 0.70 -23.25 -13.28
C VAL B 32 1.16 -21.98 -12.57
N PRO B 33 1.64 -21.00 -13.33
CA PRO B 33 2.10 -19.76 -12.70
C PRO B 33 0.88 -18.88 -12.60
N GLY B 34 0.76 -18.19 -11.46
CA GLY B 34 -0.38 -17.34 -11.21
C GLY B 34 -0.69 -16.15 -12.12
N ALA B 35 -1.90 -15.62 -11.94
CA ALA B 35 -2.40 -14.49 -12.69
C ALA B 35 -1.54 -13.25 -12.54
N LEU B 36 -1.34 -12.58 -13.67
CA LEU B 36 -0.61 -11.34 -13.76
C LEU B 36 -1.68 -10.49 -14.38
N VAL B 37 -2.21 -9.54 -13.62
CA VAL B 37 -3.25 -8.69 -14.16
C VAL B 37 -2.85 -7.23 -14.19
N THR B 38 -3.24 -6.57 -15.27
CA THR B 38 -2.95 -5.16 -15.44
C THR B 38 -4.24 -4.47 -15.85
N ILE B 39 -4.79 -3.66 -14.96
CA ILE B 39 -6.01 -2.94 -15.28
C ILE B 39 -5.60 -1.55 -15.76
N GLU B 40 -5.57 -1.39 -17.07
CA GLU B 40 -5.17 -0.14 -17.70
C GLU B 40 -6.38 0.66 -18.15
N GLY B 41 -6.43 1.94 -17.78
CA GLY B 41 -7.57 2.76 -18.14
C GLY B 41 -8.75 1.99 -17.62
N ASN B 42 -9.66 1.64 -18.52
CA ASN B 42 -10.83 0.87 -18.11
C ASN B 42 -10.85 -0.52 -18.71
N LYS B 43 -9.66 -1.12 -18.78
CA LYS B 43 -9.54 -2.46 -19.31
C LYS B 43 -8.59 -3.30 -18.47
N THR B 44 -8.95 -4.56 -18.32
CA THR B 44 -8.16 -5.51 -17.58
C THR B 44 -7.38 -6.31 -18.61
N ILE B 45 -6.15 -6.63 -18.30
CA ILE B 45 -5.35 -7.41 -19.23
C ILE B 45 -4.51 -8.39 -18.44
N ILE B 46 -4.67 -9.66 -18.78
CA ILE B 46 -3.90 -10.70 -18.12
C ILE B 46 -2.94 -11.01 -19.26
N GLU B 47 -1.68 -10.63 -19.05
CA GLU B 47 -0.66 -10.83 -20.07
C GLU B 47 0.19 -12.07 -19.80
N ASN B 48 -0.24 -12.92 -18.88
CA ASN B 48 0.48 -14.13 -18.58
C ASN B 48 -0.33 -15.29 -19.15
N PHE B 49 -1.47 -14.94 -19.76
CA PHE B 49 -2.39 -15.90 -20.35
C PHE B 49 -1.75 -17.13 -20.99
N LYS B 50 -0.98 -16.94 -22.06
CA LYS B 50 -0.34 -18.06 -22.76
C LYS B 50 0.32 -19.02 -21.79
N ASP B 51 0.96 -18.46 -20.76
CA ASP B 51 1.63 -19.28 -19.77
C ASP B 51 0.62 -20.19 -19.08
N ILE B 52 -0.52 -19.61 -18.68
CA ILE B 52 -1.56 -20.38 -18.02
C ILE B 52 -2.03 -21.51 -18.95
N ALA B 53 -2.54 -21.15 -20.13
CA ALA B 53 -3.02 -22.14 -21.09
C ALA B 53 -1.96 -23.17 -21.46
N ASP B 54 -0.76 -22.72 -21.77
CA ASP B 54 0.33 -23.61 -22.15
C ASP B 54 0.87 -24.42 -20.99
N ALA B 55 0.47 -24.07 -19.78
CA ALA B 55 0.90 -24.80 -18.59
C ALA B 55 -0.17 -25.84 -18.33
N LEU B 56 -1.39 -25.52 -18.73
CA LEU B 56 -2.54 -26.39 -18.54
C LEU B 56 -2.69 -27.32 -19.72
N ASN B 57 -1.90 -27.07 -20.76
CA ASN B 57 -1.95 -27.86 -21.98
C ASN B 57 -3.35 -27.89 -22.55
N ARG B 58 -4.04 -26.76 -22.41
CA ARG B 58 -5.39 -26.61 -22.96
C ARG B 58 -5.19 -25.57 -24.03
N ASP B 59 -6.23 -25.34 -24.81
CA ASP B 59 -6.15 -24.37 -25.90
C ASP B 59 -6.08 -22.94 -25.40
N PRO B 60 -5.75 -21.99 -26.29
CA PRO B 60 -5.67 -20.60 -25.85
C PRO B 60 -7.10 -20.03 -25.77
N GLN B 61 -7.86 -20.25 -26.84
CA GLN B 61 -9.22 -19.74 -26.93
C GLN B 61 -10.27 -20.55 -26.19
N HIS B 62 -9.87 -21.70 -25.67
CA HIS B 62 -10.81 -22.52 -24.93
C HIS B 62 -10.92 -21.91 -23.55
N LEU B 63 -9.96 -21.06 -23.21
CA LEU B 63 -9.96 -20.40 -21.91
C LEU B 63 -10.56 -19.01 -21.98
N LEU B 64 -10.21 -18.24 -23.01
CA LEU B 64 -10.75 -16.90 -23.20
C LEU B 64 -12.27 -17.02 -23.07
N LYS B 65 -12.80 -18.13 -23.57
CA LYS B 65 -14.24 -18.41 -23.55
C LYS B 65 -14.78 -18.77 -22.17
N PHE B 66 -14.21 -19.78 -21.53
CA PHE B 66 -14.66 -20.18 -20.21
C PHE B 66 -14.74 -18.95 -19.33
N LEU B 67 -13.91 -17.97 -19.66
CA LEU B 67 -13.86 -16.73 -18.92
C LEU B 67 -15.02 -15.80 -19.24
N LEU B 68 -15.06 -15.27 -20.46
CA LEU B 68 -16.13 -14.36 -20.87
C LEU B 68 -17.50 -14.96 -20.55
N ARG B 69 -17.52 -16.23 -20.15
CA ARG B 69 -18.76 -16.90 -19.81
C ARG B 69 -19.04 -16.67 -18.34
N GLU B 70 -18.08 -17.06 -17.49
CA GLU B 70 -18.18 -16.89 -16.05
C GLU B 70 -18.16 -15.41 -15.71
N ILE B 71 -17.62 -14.65 -16.65
CA ILE B 71 -17.51 -13.21 -16.55
C ILE B 71 -18.33 -12.68 -17.72
N ALA B 72 -18.70 -11.41 -17.68
CA ALA B 72 -19.45 -10.82 -18.77
C ALA B 72 -18.73 -9.57 -19.25
N THR B 73 -17.73 -9.81 -20.09
CA THR B 73 -16.93 -8.77 -20.69
C THR B 73 -16.54 -9.39 -22.01
N ALA B 74 -15.77 -8.66 -22.80
CA ALA B 74 -15.33 -9.21 -24.06
C ALA B 74 -13.83 -8.98 -24.18
N GLY B 75 -13.13 -10.02 -24.61
CA GLY B 75 -11.70 -9.91 -24.77
C GLY B 75 -11.25 -10.61 -26.02
N THR B 76 -10.05 -10.25 -26.46
CA THR B 76 -9.46 -10.85 -27.65
C THR B 76 -8.10 -11.37 -27.19
N LEU B 77 -7.56 -12.36 -27.88
CA LEU B 77 -6.25 -12.86 -27.51
C LEU B 77 -5.23 -12.29 -28.47
N GLU B 78 -3.98 -12.22 -28.02
CA GLU B 78 -2.92 -11.69 -28.86
C GLU B 78 -1.58 -12.02 -28.24
N GLY B 79 -0.57 -12.15 -29.09
CA GLY B 79 0.75 -12.45 -28.61
C GLY B 79 0.87 -12.78 -27.14
N ARG B 80 0.17 -13.84 -26.72
CA ARG B 80 0.22 -14.33 -25.34
C ARG B 80 -0.35 -13.46 -24.24
N ARG B 81 -1.30 -12.58 -24.58
CA ARG B 81 -1.93 -11.72 -23.58
C ARG B 81 -3.43 -11.70 -23.85
N VAL B 82 -4.19 -10.98 -23.04
CA VAL B 82 -5.64 -10.90 -23.24
C VAL B 82 -6.24 -9.59 -22.76
N VAL B 83 -7.09 -8.99 -23.59
CA VAL B 83 -7.75 -7.73 -23.25
C VAL B 83 -9.18 -7.96 -22.79
N LEU B 84 -9.47 -7.56 -21.56
CA LEU B 84 -10.81 -7.68 -21.00
C LEU B 84 -11.40 -6.27 -21.02
N GLN B 85 -12.69 -6.16 -21.33
CA GLN B 85 -13.38 -4.86 -21.44
C GLN B 85 -13.78 -4.05 -20.22
N GLY B 86 -13.65 -4.60 -19.02
CA GLY B 86 -14.01 -3.85 -17.84
C GLY B 86 -12.88 -3.87 -16.85
N ARG B 87 -13.22 -3.72 -15.58
CA ARG B 87 -12.23 -3.73 -14.52
C ARG B 87 -12.41 -5.02 -13.74
N PHE B 88 -11.31 -5.74 -13.53
CA PHE B 88 -11.38 -6.98 -12.80
C PHE B 88 -10.16 -7.20 -11.94
N THR B 89 -10.38 -7.32 -10.64
CA THR B 89 -9.29 -7.52 -9.73
C THR B 89 -8.62 -8.85 -10.06
N PRO B 90 -7.32 -8.96 -9.78
CA PRO B 90 -6.54 -10.18 -10.04
C PRO B 90 -7.17 -11.41 -9.41
N TYR B 91 -7.85 -11.19 -8.28
CA TYR B 91 -8.48 -12.28 -7.56
C TYR B 91 -9.79 -12.73 -8.17
N LEU B 92 -10.47 -11.83 -8.87
CA LEU B 92 -11.72 -12.20 -9.51
C LEU B 92 -11.32 -13.19 -10.60
N ILE B 93 -10.31 -12.83 -11.39
CA ILE B 93 -9.80 -13.69 -12.45
C ILE B 93 -9.12 -14.91 -11.85
N ALA B 94 -8.35 -14.69 -10.79
CA ALA B 94 -7.64 -15.77 -10.12
C ALA B 94 -8.65 -16.82 -9.67
N ASN B 95 -9.87 -16.38 -9.39
CA ASN B 95 -10.92 -17.29 -8.95
C ASN B 95 -11.58 -18.11 -10.05
N LYS B 96 -11.58 -17.59 -11.27
CA LYS B 96 -12.20 -18.30 -12.38
C LYS B 96 -11.26 -19.34 -12.96
N LEU B 97 -9.97 -18.98 -13.07
CA LEU B 97 -8.98 -19.92 -13.59
C LEU B 97 -8.97 -21.15 -12.69
N LYS B 98 -9.21 -20.91 -11.40
CA LYS B 98 -9.25 -21.98 -10.41
C LYS B 98 -10.36 -22.96 -10.74
N LYS B 99 -11.48 -22.45 -11.22
CA LYS B 99 -12.63 -23.28 -11.58
C LYS B 99 -12.37 -24.07 -12.86
N TYR B 100 -11.77 -23.41 -13.84
CA TYR B 100 -11.45 -24.02 -15.12
C TYR B 100 -10.63 -25.28 -14.90
N ILE B 101 -9.55 -25.15 -14.13
CA ILE B 101 -8.68 -26.27 -13.84
C ILE B 101 -9.47 -27.40 -13.22
N LYS B 102 -10.49 -27.03 -12.45
CA LYS B 102 -11.32 -28.01 -11.77
C LYS B 102 -12.30 -28.75 -12.68
N GLU B 103 -12.94 -28.05 -13.62
CA GLU B 103 -13.88 -28.72 -14.50
C GLU B 103 -13.44 -28.94 -15.95
N TYR B 104 -12.24 -28.51 -16.30
CA TYR B 104 -11.75 -28.68 -17.66
C TYR B 104 -10.32 -29.19 -17.77
N VAL B 105 -9.63 -29.35 -16.64
CA VAL B 105 -8.25 -29.81 -16.68
C VAL B 105 -7.91 -30.97 -15.72
N ILE B 106 -8.85 -31.36 -14.87
CA ILE B 106 -8.57 -32.47 -13.95
C ILE B 106 -9.59 -33.61 -14.03
N CYS B 107 -9.10 -34.82 -13.80
CA CYS B 107 -9.93 -36.00 -13.80
C CYS B 107 -10.51 -36.21 -12.40
N PRO B 108 -11.84 -36.14 -12.26
CA PRO B 108 -12.56 -36.31 -11.00
C PRO B 108 -12.61 -37.71 -10.42
N VAL B 109 -12.10 -38.68 -11.18
CA VAL B 109 -12.06 -40.06 -10.72
C VAL B 109 -10.64 -40.31 -10.17
N CYS B 110 -9.65 -40.05 -11.02
CA CYS B 110 -8.25 -40.15 -10.66
C CYS B 110 -7.71 -38.75 -11.02
N GLY B 111 -7.44 -37.94 -9.99
CA GLY B 111 -6.97 -36.59 -10.27
C GLY B 111 -5.78 -36.53 -11.23
N SER B 112 -5.92 -35.86 -12.37
CA SER B 112 -4.80 -35.80 -13.31
C SER B 112 -4.82 -34.66 -14.32
N PRO B 113 -3.76 -33.84 -14.31
CA PRO B 113 -3.57 -32.68 -15.19
C PRO B 113 -3.56 -33.21 -16.60
N ASP B 114 -3.48 -34.54 -16.69
CA ASP B 114 -3.43 -35.25 -17.95
C ASP B 114 -4.75 -35.44 -18.66
N THR B 115 -5.80 -34.78 -18.19
CA THR B 115 -7.05 -34.91 -18.88
C THR B 115 -6.75 -34.11 -20.13
N LYS B 116 -7.52 -34.35 -21.18
CA LYS B 116 -7.32 -33.66 -22.42
C LYS B 116 -8.69 -33.59 -23.04
N ILE B 117 -8.91 -32.59 -23.87
CA ILE B 117 -10.20 -32.46 -24.48
C ILE B 117 -10.41 -33.36 -25.70
N ILE B 118 -11.44 -34.20 -25.62
CA ILE B 118 -11.75 -35.11 -26.72
C ILE B 118 -13.11 -34.72 -27.28
N LYS B 119 -13.42 -35.20 -28.48
CA LYS B 119 -14.68 -34.90 -29.16
C LYS B 119 -15.08 -36.20 -29.83
N ARG B 120 -16.06 -36.92 -29.28
CA ARG B 120 -16.44 -38.20 -29.88
C ARG B 120 -17.79 -38.23 -30.57
N ASP B 121 -18.56 -37.15 -30.44
CA ASP B 121 -19.85 -37.01 -31.08
C ASP B 121 -19.89 -35.50 -31.08
N ARG B 122 -20.95 -34.90 -31.59
CA ARG B 122 -20.99 -33.45 -31.58
C ARG B 122 -20.81 -33.09 -30.12
N PHE B 123 -20.94 -34.12 -29.29
CA PHE B 123 -20.81 -34.00 -27.85
C PHE B 123 -19.38 -33.90 -27.40
N HIS B 124 -19.09 -32.86 -26.63
CA HIS B 124 -17.76 -32.71 -26.12
C HIS B 124 -17.76 -33.55 -24.86
N PHE B 125 -16.78 -34.44 -24.82
CA PHE B 125 -16.50 -35.33 -23.71
C PHE B 125 -15.03 -35.10 -23.88
N LEU B 126 -14.34 -34.82 -22.81
CA LEU B 126 -12.92 -34.61 -22.93
C LEU B 126 -12.43 -35.53 -21.87
N LYS B 127 -11.14 -35.89 -21.86
CA LYS B 127 -10.65 -36.71 -20.78
C LYS B 127 -9.29 -37.37 -20.68
N CYS B 128 -9.13 -37.91 -19.48
CA CYS B 128 -7.96 -38.61 -18.95
C CYS B 128 -7.21 -39.60 -19.84
N GLU B 129 -5.91 -39.36 -19.97
CA GLU B 129 -5.03 -40.20 -20.76
C GLU B 129 -4.37 -41.21 -19.83
N ALA B 130 -4.57 -41.02 -18.53
CA ALA B 130 -3.99 -41.89 -17.51
C ALA B 130 -4.94 -42.95 -16.97
N CYS B 131 -6.18 -42.58 -16.70
CA CYS B 131 -7.15 -43.54 -16.20
C CYS B 131 -8.04 -44.02 -17.32
N GLY B 132 -8.52 -43.11 -18.15
CA GLY B 132 -9.37 -43.50 -19.25
C GLY B 132 -10.81 -43.06 -19.06
N ALA B 133 -11.10 -42.45 -17.92
CA ALA B 133 -12.44 -41.99 -17.65
C ALA B 133 -12.70 -40.91 -18.70
N GLU B 134 -13.89 -40.88 -19.27
CA GLU B 134 -14.20 -39.89 -20.28
C GLU B 134 -15.39 -39.06 -19.87
N THR B 135 -15.17 -38.20 -18.89
CA THR B 135 -16.21 -37.33 -18.39
C THR B 135 -16.73 -36.43 -19.49
N PRO B 136 -18.03 -36.11 -19.43
CA PRO B 136 -18.66 -35.24 -20.42
C PRO B 136 -18.40 -33.85 -19.95
N ILE B 137 -17.47 -33.15 -20.56
CA ILE B 137 -17.24 -31.82 -20.07
C ILE B 137 -17.62 -30.69 -21.01
N GLN B 138 -18.64 -30.00 -20.56
CA GLN B 138 -19.21 -28.83 -21.18
C GLN B 138 -19.73 -28.21 -19.89
N HIS B 139 -19.05 -28.62 -18.81
CA HIS B 139 -19.30 -28.18 -17.44
C HIS B 139 -18.39 -28.99 -16.53
#